data_3IUX
#
_entry.id   3IUX
#
_cell.length_a   44.156
_cell.length_b   71.569
_cell.length_c   75.599
_cell.angle_alpha   90.00
_cell.angle_beta   90.00
_cell.angle_gamma   90.00
#
_symmetry.space_group_name_H-M   'P 21 21 21'
#
loop_
_entity.id
_entity.type
_entity.pdbx_description
1 polymer 'E3 ubiquitin-protein ligase Mdm2'
2 polymer 'miniature protein inhibitor'
3 non-polymer 'ACETATE ION'
4 non-polymer 'CHLORIDE ION'
5 water water
#
loop_
_entity_poly.entity_id
_entity_poly.type
_entity_poly.pdbx_seq_one_letter_code
_entity_poly.pdbx_strand_id
1 'polypeptide(L)'
;ETLVRPKPLLLKLLKSVGAQKDTYTMKEVLFYLGQYIMTKRLYDEKQQHIVYCSNDLLGDLFGVPSFSVKEHRKIYTMIY
RNLVV
;
A,C
2 'polypeptide(L)' CNCKAPETFLCYWRCLQ(HIA) B,D
#
loop_
_chem_comp.id
_chem_comp.type
_chem_comp.name
_chem_comp.formula
ACT non-polymer 'ACETATE ION' 'C2 H3 O2 -1'
CL non-polymer 'CHLORIDE ION' 'Cl -1'
#
# COMPACT_ATOMS: atom_id res chain seq x y z
N LEU A 3 6.57 -5.11 20.63
CA LEU A 3 5.41 -5.34 19.71
C LEU A 3 4.05 -4.88 20.32
N VAL A 4 3.08 -4.60 19.45
CA VAL A 4 1.70 -4.32 19.83
C VAL A 4 0.80 -5.31 19.12
N ARG A 5 -0.41 -5.52 19.66
CA ARG A 5 -1.34 -6.53 19.08
C ARG A 5 -2.61 -5.84 18.67
N PRO A 6 -2.86 -5.75 17.36
CA PRO A 6 -4.10 -5.16 16.91
C PRO A 6 -5.34 -5.97 17.33
N LYS A 7 -6.37 -5.24 17.76
CA LYS A 7 -7.65 -5.87 18.06
C LYS A 7 -8.33 -6.33 16.76
N PRO A 8 -9.46 -7.05 16.88
CA PRO A 8 -9.95 -7.77 15.68
C PRO A 8 -10.17 -6.98 14.38
N LEU A 9 -10.86 -5.84 14.45
CA LEU A 9 -11.10 -5.10 13.24
C LEU A 9 -9.84 -4.49 12.67
N LEU A 10 -8.96 -3.94 13.51
CA LEU A 10 -7.75 -3.37 12.98
C LEU A 10 -6.89 -4.49 12.39
N LEU A 11 -6.90 -5.66 13.02
CA LEU A 11 -6.14 -6.78 12.48
C LEU A 11 -6.63 -7.13 11.06
N LYS A 12 -7.95 -7.18 10.88
CA LYS A 12 -8.55 -7.41 9.57
C LYS A 12 -8.11 -6.35 8.57
N LEU A 13 -8.13 -5.08 8.96
CA LEU A 13 -7.68 -4.01 8.06
C LEU A 13 -6.22 -4.18 7.67
N LEU A 14 -5.36 -4.46 8.64
CA LEU A 14 -3.94 -4.62 8.35
C LEU A 14 -3.68 -5.79 7.41
N LYS A 15 -4.34 -6.91 7.65
CA LYS A 15 -4.17 -8.08 6.80
C LYS A 15 -4.73 -7.83 5.40
N SER A 16 -5.69 -6.90 5.28
CA SER A 16 -6.24 -6.63 3.95
C SER A 16 -5.20 -5.93 3.06
N VAL A 17 -4.17 -5.33 3.67
CA VAL A 17 -3.09 -4.67 2.93
C VAL A 17 -2.04 -5.70 2.52
N GLY A 18 -2.09 -6.88 3.10
CA GLY A 18 -1.18 -8.00 2.72
C GLY A 18 -0.40 -8.58 3.89
N ALA A 19 -0.44 -7.90 5.03
CA ALA A 19 0.24 -8.40 6.27
C ALA A 19 -0.41 -9.72 6.69
N GLN A 20 0.33 -10.66 7.32
CA GLN A 20 -0.32 -11.90 7.75
C GLN A 20 -0.20 -12.19 9.24
N LYS A 21 0.65 -11.40 9.91
CA LYS A 21 1.00 -11.68 11.31
C LYS A 21 0.05 -10.98 12.28
N ASP A 22 0.17 -11.39 13.55
CA ASP A 22 -0.74 -10.88 14.57
C ASP A 22 -0.05 -9.88 15.50
N THR A 23 1.27 -9.73 15.39
CA THR A 23 1.99 -8.72 16.24
C THR A 23 2.82 -7.78 15.36
N TYR A 24 2.89 -6.50 15.72
CA TYR A 24 3.48 -5.47 14.85
C TYR A 24 4.22 -4.50 15.73
N THR A 25 5.19 -3.78 15.16
CA THR A 25 5.67 -2.60 15.84
C THR A 25 4.66 -1.46 15.59
N MET A 26 4.72 -0.39 16.36
CA MET A 26 3.86 0.76 16.07
C MET A 26 4.15 1.32 14.70
N LYS A 27 5.41 1.34 14.35
CA LYS A 27 5.79 1.87 13.02
C LYS A 27 5.10 1.07 11.91
N GLU A 28 5.04 -0.25 12.08
CA GLU A 28 4.34 -1.07 11.09
C GLU A 28 2.86 -0.81 11.08
N VAL A 29 2.25 -0.65 12.25
CA VAL A 29 0.82 -0.37 12.26
C VAL A 29 0.52 0.93 11.51
N LEU A 30 1.27 1.99 11.81
CA LEU A 30 1.06 3.26 11.14
C LEU A 30 1.31 3.10 9.64
N PHE A 31 2.32 2.30 9.27
CA PHE A 31 2.67 2.19 7.87
C PHE A 31 1.51 1.54 7.08
N TYR A 32 1.06 0.40 7.57
CA TYR A 32 0.04 -0.31 6.85
C TYR A 32 -1.32 0.42 6.89
N LEU A 33 -1.62 1.10 7.98
CA LEU A 33 -2.84 1.91 8.03
C LEU A 33 -2.82 3.06 7.01
N GLY A 34 -1.65 3.70 6.91
CA GLY A 34 -1.53 4.79 5.94
C GLY A 34 -1.64 4.22 4.53
N GLN A 35 -1.07 3.02 4.30
CA GLN A 35 -1.11 2.47 2.91
C GLN A 35 -2.54 2.03 2.59
N TYR A 36 -3.28 1.59 3.61
CA TYR A 36 -4.68 1.13 3.42
C TYR A 36 -5.47 2.32 2.87
N ILE A 37 -5.29 3.48 3.48
CA ILE A 37 -6.04 4.69 3.06
C ILE A 37 -5.60 5.13 1.70
N MET A 38 -4.29 5.12 1.47
CA MET A 38 -3.75 5.50 0.15
C MET A 38 -4.26 4.61 -1.00
N THR A 39 -4.06 3.33 -0.84
CA THR A 39 -4.41 2.37 -1.89
C THR A 39 -5.91 2.36 -2.13
N LYS A 40 -6.69 2.48 -1.06
CA LYS A 40 -8.13 2.43 -1.22
C LYS A 40 -8.73 3.79 -1.64
N ARG A 41 -7.88 4.82 -1.75
CA ARG A 41 -8.30 6.18 -2.18
C ARG A 41 -9.40 6.76 -1.28
N LEU A 42 -9.21 6.61 0.02
CA LEU A 42 -10.19 7.14 0.96
C LEU A 42 -9.99 8.63 1.25
N TYR A 43 -8.87 9.23 0.82
CA TYR A 43 -8.57 10.61 1.17
C TYR A 43 -9.22 11.58 0.17
N ASP A 44 -9.47 12.81 0.61
CA ASP A 44 -10.03 13.82 -0.26
C ASP A 44 -8.97 14.27 -1.27
N GLU A 45 -9.38 14.47 -2.51
CA GLU A 45 -8.39 14.85 -3.55
C GLU A 45 -7.79 16.22 -3.38
N LYS A 46 -8.61 17.18 -2.90
CA LYS A 46 -8.25 18.59 -2.81
C LYS A 46 -7.59 18.96 -1.45
N GLN A 47 -8.13 18.41 -0.36
CA GLN A 47 -7.59 18.60 0.97
C GLN A 47 -7.19 17.23 1.47
N GLN A 48 -5.93 16.84 1.21
CA GLN A 48 -5.60 15.39 1.29
C GLN A 48 -5.36 14.86 2.70
N HIS A 49 -5.48 15.72 3.70
CA HIS A 49 -5.48 15.26 5.09
C HIS A 49 -6.87 14.80 5.49
N ILE A 50 -7.91 15.03 4.66
CA ILE A 50 -9.25 14.58 5.03
C ILE A 50 -9.42 13.15 4.54
N VAL A 51 -9.85 12.27 5.44
CA VAL A 51 -10.09 10.86 5.12
C VAL A 51 -11.54 10.49 5.37
N TYR A 52 -12.16 9.88 4.37
CA TYR A 52 -13.58 9.46 4.45
C TYR A 52 -13.67 8.04 4.92
N CYS A 53 -14.37 7.85 6.04
CA CYS A 53 -14.41 6.53 6.78
C CYS A 53 -15.76 5.84 6.72
N SER A 54 -16.78 6.57 6.27
CA SER A 54 -18.16 6.07 6.28
C SER A 54 -18.23 4.80 5.42
N ASN A 55 -19.01 3.84 5.88
CA ASN A 55 -19.29 2.66 5.05
C ASN A 55 -17.97 1.93 4.68
N ASP A 56 -17.03 1.99 5.60
CA ASP A 56 -15.74 1.34 5.43
C ASP A 56 -15.33 0.71 6.74
N LEU A 57 -14.60 -0.41 6.63
CA LEU A 57 -13.97 -1.00 7.81
C LEU A 57 -13.30 0.05 8.72
N LEU A 58 -12.60 1.01 8.13
CA LEU A 58 -11.90 1.98 8.92
C LEU A 58 -12.87 2.80 9.78
N GLY A 59 -14.04 3.15 9.25
CA GLY A 59 -15.07 3.89 10.04
C GLY A 59 -15.59 3.02 11.16
N ASP A 60 -15.69 1.73 10.88
CA ASP A 60 -16.18 0.79 11.90
C ASP A 60 -15.24 0.79 13.08
N LEU A 61 -13.94 0.84 12.83
CA LEU A 61 -13.09 0.70 13.96
C LEU A 61 -12.69 2.00 14.64
N PHE A 62 -12.65 3.09 13.87
CA PHE A 62 -12.42 4.41 14.47
C PHE A 62 -13.65 5.02 15.12
N GLY A 63 -14.82 4.68 14.59
CA GLY A 63 -16.08 5.20 15.08
C GLY A 63 -16.42 6.64 14.66
N VAL A 64 -15.87 7.05 13.51
CA VAL A 64 -16.15 8.40 12.96
C VAL A 64 -16.42 8.28 11.46
N PRO A 65 -17.15 9.26 10.86
CA PRO A 65 -17.47 9.23 9.44
C PRO A 65 -16.30 9.79 8.61
N SER A 66 -15.46 10.58 9.27
CA SER A 66 -14.31 11.22 8.63
C SER A 66 -13.34 11.70 9.69
N PHE A 67 -12.10 12.06 9.21
CA PHE A 67 -11.17 12.70 10.11
C PHE A 67 -10.16 13.45 9.32
N SER A 68 -9.44 14.31 10.05
CA SER A 68 -8.30 15.05 9.48
C SER A 68 -7.05 14.50 10.10
N VAL A 69 -6.10 14.16 9.20
CA VAL A 69 -4.80 13.62 9.63
C VAL A 69 -4.08 14.66 10.48
N LYS A 70 -4.40 15.97 10.31
CA LYS A 70 -3.74 17.05 11.06
C LYS A 70 -4.00 16.95 12.58
N GLU A 71 -5.04 16.20 12.97
CA GLU A 71 -5.39 16.12 14.41
C GLU A 71 -4.62 14.99 15.07
N HIS A 72 -3.34 15.25 15.37
CA HIS A 72 -2.47 14.15 15.62
C HIS A 72 -2.85 13.34 16.83
N ARG A 73 -3.12 14.00 17.94
CA ARG A 73 -3.51 13.27 19.17
C ARG A 73 -4.80 12.48 18.94
N LYS A 74 -5.77 13.09 18.25
CA LYS A 74 -7.02 12.37 17.99
C LYS A 74 -6.80 11.08 17.21
N ILE A 75 -5.95 11.11 16.18
CA ILE A 75 -5.72 9.89 15.38
C ILE A 75 -5.00 8.85 16.21
N TYR A 76 -3.95 9.26 16.96
CA TYR A 76 -3.24 8.27 17.77
C TYR A 76 -4.18 7.65 18.81
N THR A 77 -5.11 8.46 19.31
CA THR A 77 -6.07 8.00 20.33
C THR A 77 -6.94 6.91 19.69
N MET A 78 -7.43 7.15 18.46
CA MET A 78 -8.25 6.12 17.80
C MET A 78 -7.44 4.86 17.49
N ILE A 79 -6.18 5.06 17.11
CA ILE A 79 -5.32 3.91 16.80
C ILE A 79 -5.12 3.07 18.06
N TYR A 80 -4.73 3.71 19.17
CA TYR A 80 -4.44 2.94 20.38
C TYR A 80 -5.69 2.23 20.96
N ARG A 81 -6.87 2.79 20.70
CA ARG A 81 -8.10 2.13 21.15
C ARG A 81 -8.28 0.76 20.45
N ASN A 82 -7.61 0.62 19.29
CA ASN A 82 -7.70 -0.60 18.50
C ASN A 82 -6.43 -1.46 18.64
N LEU A 83 -5.65 -1.21 19.71
CA LEU A 83 -4.43 -1.97 20.01
C LEU A 83 -4.45 -2.43 21.42
N VAL A 84 -3.85 -3.61 21.64
CA VAL A 84 -3.39 -4.01 22.96
C VAL A 84 -1.89 -3.77 23.03
N VAL A 85 -1.51 -2.81 23.87
CA VAL A 85 -0.09 -2.44 24.05
C VAL A 85 0.23 -2.72 25.52
N CYS B 1 8.87 16.04 1.65
N CYS B 1 9.01 15.50 2.92
CA CYS B 1 7.67 16.25 2.53
CA CYS B 1 7.64 16.07 3.08
C CYS B 1 7.92 17.36 3.54
C CYS B 1 7.66 17.33 3.90
N ASN B 2 7.19 18.45 3.35
CA ASN B 2 7.26 19.66 4.15
C ASN B 2 6.08 19.68 5.11
N CYS B 3 6.35 19.42 6.38
CA CYS B 3 5.22 19.37 7.33
C CYS B 3 4.54 20.73 7.58
N LYS B 4 5.17 21.83 7.15
CA LYS B 4 4.48 23.13 7.15
C LYS B 4 3.44 23.25 6.02
N ALA B 5 3.56 22.41 5.00
CA ALA B 5 2.64 22.47 3.86
C ALA B 5 2.64 21.13 3.14
N PRO B 6 2.04 20.11 3.77
N PRO B 6 2.05 20.07 3.74
CA PRO B 6 1.88 18.88 3.05
CA PRO B 6 2.30 18.68 3.32
C PRO B 6 0.87 19.17 1.96
C PRO B 6 1.76 18.27 1.94
N GLU B 7 1.07 18.56 0.81
N GLU B 7 0.64 18.87 1.55
CA GLU B 7 0.12 18.66 -0.28
CA GLU B 7 0.05 18.67 0.22
C GLU B 7 -0.50 17.29 -0.46
C GLU B 7 -0.59 17.28 0.04
N THR B 8 0.22 16.24 -0.06
CA THR B 8 -0.28 14.87 -0.31
C THR B 8 -0.69 14.13 0.95
N PHE B 9 -1.62 13.20 0.80
CA PHE B 9 -2.07 12.42 1.95
C PHE B 9 -0.86 11.74 2.64
N LEU B 10 0.04 11.10 1.89
CA LEU B 10 1.12 10.32 2.60
C LEU B 10 2.11 11.26 3.30
N CYS B 11 2.25 12.49 2.80
N CYS B 11 2.26 12.49 2.81
CA CYS B 11 3.08 13.46 3.51
CA CYS B 11 3.06 13.46 3.54
C CYS B 11 2.39 13.93 4.80
C CYS B 11 2.38 13.90 4.82
N TYR B 12 1.09 14.21 4.74
CA TYR B 12 0.35 14.39 6.01
C TYR B 12 0.55 13.21 6.97
N TRP B 13 0.49 11.99 6.43
CA TRP B 13 0.53 10.82 7.27
C TRP B 13 1.95 10.67 7.88
N ARG B 14 2.97 11.03 7.11
CA ARG B 14 4.34 11.00 7.64
C ARG B 14 4.51 12.03 8.74
N CYS B 15 3.96 13.22 8.51
CA CYS B 15 4.05 14.30 9.46
C CYS B 15 3.36 13.98 10.77
N LEU B 16 2.28 13.21 10.71
CA LEU B 16 1.57 12.70 11.90
C LEU B 16 2.49 11.92 12.82
N GLN B 17 3.48 11.25 12.24
CA GLN B 17 4.36 10.33 12.96
C GLN B 17 5.65 10.92 13.46
N HIA B 18 5.87 12.39 13.25
CA HIA B 18 7.09 12.98 13.79
CB HIA B 18 7.27 14.20 12.90
CG HIA B 18 7.77 13.82 11.51
ND1 HIA B 18 7.71 14.63 10.42
CD2 HIA B 18 8.42 12.66 11.10
CE1 HIA B 18 8.26 14.02 9.35
NE2 HIA B 18 8.70 12.82 9.78
C HIA B 18 6.94 13.31 15.27
O HIA B 18 5.84 13.47 15.80
NXT HIA B 18 7.96 13.42 15.94
N VAL C 4 18.37 -0.63 -3.28
CA VAL C 4 18.22 -0.56 -4.74
C VAL C 4 17.70 0.84 -5.10
N ARG C 5 18.07 1.30 -6.30
CA ARG C 5 17.67 2.63 -6.80
C ARG C 5 16.78 2.49 -8.02
N PRO C 6 15.49 2.80 -7.87
CA PRO C 6 14.69 2.59 -9.07
C PRO C 6 15.06 3.57 -10.19
N LYS C 7 14.98 3.09 -11.42
CA LYS C 7 15.24 3.93 -12.55
C LYS C 7 14.00 4.82 -12.77
N PRO C 8 14.09 5.75 -13.72
CA PRO C 8 13.08 6.86 -13.67
C PRO C 8 11.59 6.46 -13.78
N LEU C 9 11.24 5.54 -14.66
CA LEU C 9 9.82 5.23 -14.77
C LEU C 9 9.36 4.41 -13.60
N LEU C 10 10.19 3.47 -13.11
CA LEU C 10 9.78 2.74 -11.92
C LEU C 10 9.72 3.70 -10.68
N LEU C 11 10.63 4.65 -10.58
CA LEU C 11 10.56 5.62 -9.49
C LEU C 11 9.24 6.38 -9.57
N LYS C 12 8.84 6.79 -10.78
CA LYS C 12 7.55 7.47 -10.94
C LYS C 12 6.39 6.56 -10.49
N LEU C 13 6.42 5.30 -10.90
CA LEU C 13 5.35 4.39 -10.47
C LEU C 13 5.29 4.27 -8.94
N LEU C 14 6.44 4.03 -8.32
CA LEU C 14 6.47 3.86 -6.86
C LEU C 14 5.94 5.08 -6.13
N LYS C 15 6.38 6.26 -6.59
CA LYS C 15 6.03 7.52 -5.93
C LYS C 15 4.54 7.78 -6.16
N SER C 16 3.94 7.19 -7.19
CA SER C 16 2.51 7.44 -7.43
C SER C 16 1.60 6.74 -6.43
N VAL C 17 2.13 5.76 -5.71
CA VAL C 17 1.28 4.99 -4.79
C VAL C 17 1.79 5.14 -3.37
N GLY C 18 2.73 6.08 -3.24
CA GLY C 18 3.03 6.75 -1.97
C GLY C 18 4.47 6.45 -1.55
N ALA C 19 5.25 5.87 -2.44
CA ALA C 19 6.62 5.58 -2.03
C ALA C 19 7.21 6.98 -1.88
N GLN C 20 8.07 7.15 -0.92
CA GLN C 20 8.41 8.54 -0.55
C GLN C 20 9.78 9.08 -0.95
N LYS C 21 10.58 8.30 -1.65
CA LYS C 21 12.03 8.52 -1.61
C LYS C 21 12.71 7.93 -2.82
N ASP C 22 14.04 8.06 -2.85
CA ASP C 22 14.80 7.63 -4.05
C ASP C 22 15.51 6.27 -3.90
N THR C 23 15.58 5.73 -2.68
CA THR C 23 16.29 4.48 -2.42
C THR C 23 15.35 3.56 -1.60
N TYR C 24 15.38 2.27 -1.93
CA TYR C 24 14.41 1.29 -1.37
C TYR C 24 15.06 -0.02 -1.08
N THR C 25 14.45 -0.83 -0.19
CA THR C 25 14.76 -2.26 -0.19
C THR C 25 13.93 -2.94 -1.29
N MET C 26 14.38 -4.11 -1.68
CA MET C 26 13.69 -4.96 -2.59
C MET C 26 12.26 -5.24 -2.07
N LYS C 27 12.17 -5.53 -0.78
CA LYS C 27 10.83 -5.75 -0.16
C LYS C 27 9.90 -4.53 -0.36
N GLU C 28 10.42 -3.33 -0.17
CA GLU C 28 9.61 -2.14 -0.37
C GLU C 28 9.17 -2.04 -1.85
N VAL C 29 10.10 -2.27 -2.77
CA VAL C 29 9.77 -2.14 -4.20
C VAL C 29 8.65 -3.13 -4.55
N LEU C 30 8.81 -4.37 -4.11
CA LEU C 30 7.76 -5.34 -4.37
C LEU C 30 6.43 -4.92 -3.72
N PHE C 31 6.52 -4.42 -2.50
CA PHE C 31 5.27 -4.05 -1.79
C PHE C 31 4.51 -2.96 -2.55
N TYR C 32 5.22 -1.89 -2.87
CA TYR C 32 4.58 -0.79 -3.57
C TYR C 32 4.10 -1.19 -4.96
N LEU C 33 4.84 -2.04 -5.68
CA LEU C 33 4.36 -2.53 -6.96
C LEU C 33 3.03 -3.26 -6.82
N GLY C 34 2.89 -4.06 -5.76
CA GLY C 34 1.64 -4.77 -5.50
C GLY C 34 0.55 -3.80 -5.19
N GLN C 35 0.85 -2.74 -4.41
CA GLN C 35 -0.18 -1.76 -4.11
C GLN C 35 -0.60 -0.97 -5.33
N TYR C 36 0.34 -0.71 -6.24
CA TYR C 36 0.02 0.01 -7.49
C TYR C 36 -0.98 -0.82 -8.30
N ILE C 37 -0.73 -2.12 -8.39
CA ILE C 37 -1.61 -3.02 -9.20
C ILE C 37 -2.98 -3.05 -8.54
N MET C 38 -3.02 -3.09 -7.21
CA MET C 38 -4.30 -3.04 -6.47
CA MET C 38 -4.32 -3.06 -6.53
C MET C 38 -5.05 -1.71 -6.65
N THR C 39 -4.35 -0.59 -6.43
CA THR C 39 -5.02 0.74 -6.52
C THR C 39 -5.60 0.99 -7.89
N LYS C 40 -4.91 0.50 -8.94
CA LYS C 40 -5.39 0.75 -10.28
C LYS C 40 -6.28 -0.38 -10.78
N ARG C 41 -6.49 -1.40 -9.95
CA ARG C 41 -7.36 -2.55 -10.31
C ARG C 41 -6.90 -3.16 -11.65
N LEU C 42 -5.60 -3.44 -11.72
CA LEU C 42 -5.02 -3.96 -13.00
C LEU C 42 -5.13 -5.47 -13.10
N TYR C 43 -5.53 -6.14 -12.02
CA TYR C 43 -5.58 -7.60 -12.06
C TYR C 43 -6.93 -8.12 -12.55
N ASP C 44 -6.89 -9.27 -13.17
CA ASP C 44 -8.12 -9.89 -13.67
C ASP C 44 -8.98 -10.33 -12.49
N GLU C 45 -10.29 -10.14 -12.57
CA GLU C 45 -11.17 -10.47 -11.44
C GLU C 45 -11.31 -11.97 -11.20
N LYS C 46 -11.23 -12.76 -12.27
CA LYS C 46 -11.42 -14.21 -12.19
C LYS C 46 -10.15 -15.02 -12.00
N GLN C 47 -9.07 -14.60 -12.65
CA GLN C 47 -7.80 -15.30 -12.52
C GLN C 47 -6.85 -14.21 -12.02
N GLN C 48 -6.74 -14.08 -10.69
CA GLN C 48 -6.21 -12.83 -10.12
C GLN C 48 -4.69 -12.70 -10.18
N HIS C 49 -4.02 -13.70 -10.76
CA HIS C 49 -2.58 -13.61 -11.07
C HIS C 49 -2.34 -12.92 -12.39
N ILE C 50 -3.40 -12.69 -13.17
CA ILE C 50 -3.21 -12.05 -14.52
C ILE C 50 -3.29 -10.55 -14.31
N VAL C 51 -2.28 -9.83 -14.80
CA VAL C 51 -2.19 -8.37 -14.65
C VAL C 51 -2.18 -7.74 -16.04
N TYR C 52 -3.10 -6.78 -16.27
CA TYR C 52 -3.17 -6.03 -17.55
C TYR C 52 -2.34 -4.76 -17.48
N CYS C 53 -1.37 -4.64 -18.38
CA CYS C 53 -0.36 -3.56 -18.35
C CYS C 53 -0.51 -2.62 -19.55
N SER C 54 -1.36 -2.96 -20.53
CA SER C 54 -1.53 -2.18 -21.75
C SER C 54 -1.94 -0.75 -21.37
N ASN C 55 -1.35 0.21 -22.07
CA ASN C 55 -1.77 1.62 -21.95
C ASN C 55 -1.60 2.06 -20.49
N ASP C 56 -0.56 1.53 -19.84
CA ASP C 56 -0.25 1.89 -18.45
C ASP C 56 1.24 2.06 -18.27
N LEU C 57 1.62 2.97 -17.37
CA LEU C 57 3.02 3.11 -16.96
C LEU C 57 3.66 1.74 -16.68
N LEU C 58 2.91 0.82 -16.04
CA LEU C 58 3.52 -0.47 -15.76
C LEU C 58 3.90 -1.22 -17.04
N GLY C 59 3.06 -1.15 -18.07
CA GLY C 59 3.37 -1.77 -19.37
C GLY C 59 4.57 -1.10 -20.02
N ASP C 60 4.65 0.21 -19.89
CA ASP C 60 5.77 0.99 -20.46
C ASP C 60 7.05 0.47 -19.86
N LEU C 61 7.08 0.21 -18.56
CA LEU C 61 8.33 -0.14 -17.99
C LEU C 61 8.67 -1.62 -18.02
N PHE C 62 7.65 -2.51 -18.07
CA PHE C 62 7.87 -3.95 -18.22
C PHE C 62 8.05 -4.39 -19.68
N GLY C 63 7.45 -3.63 -20.60
CA GLY C 63 7.53 -3.91 -22.04
C GLY C 63 6.63 -5.05 -22.51
N VAL C 64 5.56 -5.32 -21.75
CA VAL C 64 4.61 -6.40 -22.08
C VAL C 64 3.17 -5.86 -21.91
N PRO C 65 2.19 -6.43 -22.61
CA PRO C 65 0.80 -5.98 -22.44
C PRO C 65 0.11 -6.64 -21.24
N SER C 66 0.65 -7.77 -20.81
CA SER C 66 0.13 -8.46 -19.64
C SER C 66 1.20 -9.40 -19.09
N PHE C 67 0.94 -9.90 -17.84
CA PHE C 67 1.79 -10.96 -17.33
C PHE C 67 1.01 -11.71 -16.29
N SER C 68 1.51 -12.87 -15.91
CA SER C 68 1.00 -13.63 -14.79
C SER C 68 1.96 -13.55 -13.61
N VAL C 69 1.40 -13.29 -12.44
CA VAL C 69 2.20 -13.26 -11.21
C VAL C 69 2.88 -14.61 -10.98
N LYS C 70 2.37 -15.70 -11.55
CA LYS C 70 2.96 -17.03 -11.37
C LYS C 70 4.37 -17.17 -12.01
N GLU C 71 4.69 -16.26 -12.95
CA GLU C 71 5.93 -16.30 -13.72
C GLU C 71 7.00 -15.61 -12.88
N HIS C 72 7.45 -16.26 -11.83
CA HIS C 72 8.22 -15.53 -10.82
C HIS C 72 9.53 -14.96 -11.38
N ARG C 73 10.30 -15.81 -12.08
CA ARG C 73 11.59 -15.36 -12.63
C ARG C 73 11.38 -14.24 -13.61
N LYS C 74 10.35 -14.39 -14.45
CA LYS C 74 10.07 -13.33 -15.44
C LYS C 74 9.79 -11.99 -14.79
N ILE C 75 9.01 -11.99 -13.70
CA ILE C 75 8.68 -10.74 -13.02
C ILE C 75 9.87 -10.13 -12.37
N TYR C 76 10.67 -10.94 -11.67
CA TYR C 76 11.87 -10.37 -11.02
C TYR C 76 12.80 -9.79 -12.08
N THR C 77 12.84 -10.44 -13.24
CA THR C 77 13.74 -10.01 -14.34
C THR C 77 13.25 -8.66 -14.81
N MET C 78 11.93 -8.50 -14.97
CA MET C 78 11.39 -7.22 -15.43
C MET C 78 11.58 -6.14 -14.36
N ILE C 79 11.40 -6.52 -13.10
CA ILE C 79 11.74 -5.59 -12.00
C ILE C 79 13.20 -5.16 -11.99
N TYR C 80 14.12 -6.12 -12.02
CA TYR C 80 15.53 -5.76 -11.94
C TYR C 80 16.00 -4.94 -13.18
N ARG C 81 15.29 -5.08 -14.31
CA ARG C 81 15.66 -4.30 -15.50
C ARG C 81 15.38 -2.81 -15.21
N ASN C 82 14.59 -2.55 -14.20
CA ASN C 82 14.16 -1.17 -13.85
C ASN C 82 14.81 -0.70 -12.55
N LEU C 83 15.85 -1.40 -12.15
CA LEU C 83 16.56 -1.10 -10.92
C LEU C 83 18.04 -0.99 -11.16
N VAL C 84 18.71 -0.08 -10.42
CA VAL C 84 20.15 -0.08 -10.32
C VAL C 84 20.48 -0.72 -8.98
N VAL C 85 21.10 -1.91 -9.05
CA VAL C 85 21.45 -2.72 -7.86
C VAL C 85 22.96 -2.98 -7.94
N CYS D 1 -2.89 -17.82 3.16
CA CYS D 1 -2.43 -17.77 1.73
C CYS D 1 -1.70 -19.07 1.36
N ASN D 2 -2.38 -19.87 0.56
CA ASN D 2 -1.84 -21.15 0.18
C ASN D 2 -1.19 -21.00 -1.19
N CYS D 3 0.12 -21.13 -1.28
CA CYS D 3 0.74 -20.92 -2.57
C CYS D 3 0.42 -22.01 -3.62
N LYS D 4 -0.09 -23.16 -3.17
CA LYS D 4 -0.62 -24.16 -4.12
C LYS D 4 -1.94 -23.78 -4.81
N ALA D 5 -2.65 -22.82 -4.25
CA ALA D 5 -3.97 -22.41 -4.74
C ALA D 5 -4.26 -20.99 -4.21
N PRO D 6 -3.54 -20.01 -4.74
N PRO D 6 -3.56 -19.97 -4.73
CA PRO D 6 -3.90 -18.66 -4.39
CA PRO D 6 -3.50 -18.65 -4.08
C PRO D 6 -5.23 -18.38 -5.10
C PRO D 6 -4.82 -17.82 -4.12
N GLU D 7 -6.13 -17.68 -4.43
N GLU D 7 -5.58 -17.94 -5.20
CA GLU D 7 -7.34 -17.20 -5.10
CA GLU D 7 -6.90 -17.27 -5.35
C GLU D 7 -7.24 -15.70 -5.34
C GLU D 7 -6.85 -15.75 -5.56
N THR D 8 -6.46 -15.00 -4.51
CA THR D 8 -6.44 -13.53 -4.54
C THR D 8 -5.13 -12.99 -5.08
N PHE D 9 -5.23 -11.82 -5.70
CA PHE D 9 -4.04 -11.14 -6.19
C PHE D 9 -2.97 -11.03 -5.10
N LEU D 10 -3.36 -10.54 -3.91
CA LEU D 10 -2.33 -10.34 -2.84
C LEU D 10 -1.66 -11.63 -2.42
N CYS D 11 -2.41 -12.74 -2.43
CA CYS D 11 -1.79 -14.01 -2.11
C CYS D 11 -0.84 -14.45 -3.24
N TYR D 12 -1.27 -14.35 -4.50
CA TYR D 12 -0.30 -14.62 -5.58
C TYR D 12 0.96 -13.75 -5.41
N TRP D 13 0.75 -12.47 -5.06
CA TRP D 13 1.87 -11.54 -4.97
C TRP D 13 2.81 -11.90 -3.79
N ARG D 14 2.24 -12.42 -2.70
CA ARG D 14 3.03 -12.91 -1.54
C ARG D 14 3.88 -14.11 -1.98
N CYS D 15 3.21 -15.02 -2.70
CA CYS D 15 3.84 -16.26 -3.12
C CYS D 15 5.04 -16.02 -4.07
N LEU D 16 4.91 -14.99 -4.89
CA LEU D 16 5.98 -14.54 -5.79
C LEU D 16 7.28 -14.30 -5.07
N GLN D 17 7.17 -13.91 -3.80
CA GLN D 17 8.31 -13.41 -3.08
C GLN D 17 8.90 -14.43 -2.16
N HIA D 18 8.44 -15.91 -2.08
CA HIA D 18 9.04 -16.94 -1.26
CB HIA D 18 8.00 -18.03 -1.23
CG HIA D 18 6.87 -17.60 -0.33
ND1 HIA D 18 6.95 -16.65 0.65
CD2 HIA D 18 5.58 -18.12 -0.27
CE1 HIA D 18 5.73 -16.58 1.26
NE2 HIA D 18 4.89 -17.46 0.69
C HIA D 18 10.30 -17.43 -1.88
O HIA D 18 10.49 -17.28 -3.10
NXT HIA D 18 11.15 -18.01 -1.16
C ACT E . 2.96 -13.56 14.43
O ACT E . 1.75 -13.78 14.16
OXT ACT E . 3.14 -12.68 15.24
CH3 ACT E . 4.17 -14.23 13.87
C ACT F . -21.83 4.34 8.15
O ACT F . -21.61 5.51 7.77
OXT ACT F . -20.82 3.61 8.44
CH3 ACT F . -23.23 3.79 8.23
C ACT G . 3.89 -10.17 7.31
O ACT G . 2.91 -10.90 7.59
OXT ACT G . 4.80 -10.78 6.73
CH3 ACT G . 3.96 -8.71 7.66
CL CL H . -12.30 -4.71 17.31
CL CL I . 8.96 -20.66 -6.33
CL CL J . 16.33 8.45 -0.31
#